data_4I76
#
_entry.id   4I76
#
_cell.length_a   121.911
_cell.length_b   50.429
_cell.length_c   88.098
_cell.angle_alpha   90.000
_cell.angle_beta   129.150
_cell.angle_gamma   90.000
#
_symmetry.space_group_name_H-M   'C 1 2 1'
#
loop_
_entity.id
_entity.type
_entity.pdbx_description
1 polymer 'Transcriptional regulator, TetR family'
2 non-polymer OCTAN-1-OL
3 non-polymer 1,2-ETHANEDIOL
4 water water
#
_entity_poly.entity_id   1
_entity_poly.type   'polypeptide(L)'
_entity_poly.pdbx_seq_one_letter_code
;GH(MSE)LSKRDAILKAAVEVFGKKGYDRATTDEIAEKAGVAKGLIFHYFKNKEELYYQAY(MSE)SVTEKLQKEFENFL
(MSE)KNRNRDIFDF(MSE)ERWIEKKLEYSASHPEEADFLITLVSVDEGLRKRILLDLEKSQRVFFDFVREKLKDLDLA
EDVTEEIALKFL(MSE)WFFSGFEEVYLRTYQGKPELLKRD(MSE)NTLVEEVKV(MSE)LRILKKG(MSE)TK
;
_entity_poly.pdbx_strand_id   A,B
#
loop_
_chem_comp.id
_chem_comp.type
_chem_comp.name
_chem_comp.formula
EDO non-polymer 1,2-ETHANEDIOL 'C2 H6 O2'
OC9 non-polymer OCTAN-1-OL 'C8 H18 O'
#
# COMPACT_ATOMS: atom_id res chain seq x y z
N SER A 5 -20.92 12.96 9.16
CA SER A 5 -21.46 14.32 9.29
C SER A 5 -21.16 15.10 8.01
N LYS A 6 -22.04 16.04 7.71
CA LYS A 6 -21.93 16.81 6.48
C LYS A 6 -20.66 17.67 6.48
N ARG A 7 -20.29 18.20 7.65
CA ARG A 7 -19.09 19.05 7.77
C ARG A 7 -17.83 18.25 7.42
N ASP A 8 -17.77 17.01 7.90
CA ASP A 8 -16.65 16.13 7.63
C ASP A 8 -16.60 15.72 6.16
N ALA A 9 -17.78 15.54 5.54
CA ALA A 9 -17.84 15.20 4.13
C ALA A 9 -17.34 16.39 3.34
N ILE A 10 -17.74 17.59 3.72
CA ILE A 10 -17.26 18.81 3.03
C ILE A 10 -15.72 18.94 3.15
N LEU A 11 -15.18 18.77 4.35
CA LEU A 11 -13.76 18.80 4.55
C LEU A 11 -12.99 17.76 3.74
N LYS A 12 -13.54 16.55 3.66
CA LYS A 12 -12.95 15.51 2.86
C LYS A 12 -12.99 15.83 1.37
N ALA A 13 -14.15 16.26 0.87
CA ALA A 13 -14.23 16.74 -0.49
C ALA A 13 -13.24 17.91 -0.78
N ALA A 14 -13.08 18.82 0.18
CA ALA A 14 -12.18 19.96 -0.01
C ALA A 14 -10.75 19.51 -0.18
N VAL A 15 -10.31 18.55 0.65
CA VAL A 15 -8.97 17.94 0.56
C VAL A 15 -8.75 17.40 -0.84
N GLU A 16 -9.72 16.64 -1.32
CA GLU A 16 -9.62 15.99 -2.63
C GLU A 16 -9.53 17.01 -3.74
N VAL A 17 -10.47 17.96 -3.78
CA VAL A 17 -10.58 18.92 -4.88
C VAL A 17 -9.45 19.96 -4.82
N PHE A 18 -9.14 20.49 -3.64
CA PHE A 18 -8.02 21.43 -3.53
C PHE A 18 -6.72 20.75 -3.97
N GLY A 19 -6.55 19.51 -3.55
CA GLY A 19 -5.34 18.74 -3.88
C GLY A 19 -5.24 18.39 -5.37
N LYS A 20 -6.37 18.14 -6.06
CA LYS A 20 -6.35 17.87 -7.50
C LYS A 20 -6.15 19.11 -8.31
N LYS A 21 -6.92 20.16 -8.01
CA LYS A 21 -6.92 21.36 -8.84
C LYS A 21 -6.07 22.52 -8.36
N GLY A 22 -5.61 22.51 -7.11
CA GLY A 22 -4.95 23.71 -6.55
C GLY A 22 -5.93 24.67 -5.90
N TYR A 23 -5.44 25.61 -5.10
CA TYR A 23 -6.30 26.53 -4.35
C TYR A 23 -7.10 27.44 -5.25
N ASP A 24 -6.38 28.08 -6.18
CA ASP A 24 -6.97 29.13 -7.03
C ASP A 24 -8.10 28.65 -7.93
N ARG A 25 -7.92 27.49 -8.53
CA ARG A 25 -8.88 26.96 -9.49
C ARG A 25 -10.02 26.13 -8.87
N ALA A 26 -9.82 25.58 -7.69
CA ALA A 26 -10.91 24.91 -6.96
C ALA A 26 -12.05 25.90 -6.66
N THR A 27 -13.28 25.42 -6.73
CA THR A 27 -14.46 26.19 -6.36
C THR A 27 -15.23 25.45 -5.26
N THR A 28 -15.96 26.22 -4.46
CA THR A 28 -16.80 25.67 -3.43
C THR A 28 -17.90 24.81 -4.04
N ASP A 29 -18.39 25.19 -5.20
CA ASP A 29 -19.39 24.40 -5.88
C ASP A 29 -18.85 23.01 -6.24
N GLU A 30 -17.66 22.92 -6.83
CA GLU A 30 -17.01 21.62 -7.08
C GLU A 30 -16.93 20.78 -5.81
N ILE A 31 -16.58 21.44 -4.71
CA ILE A 31 -16.43 20.75 -3.42
C ILE A 31 -17.75 20.22 -2.95
N ALA A 32 -18.78 21.07 -3.07
CA ALA A 32 -20.12 20.69 -2.66
C ALA A 32 -20.67 19.46 -3.44
N GLU A 33 -20.56 19.46 -4.77
CA GLU A 33 -20.98 18.26 -5.54
C GLU A 33 -20.14 17.04 -5.23
N LYS A 34 -18.82 17.20 -5.12
CA LYS A 34 -17.97 16.12 -4.61
C LYS A 34 -18.40 15.56 -3.26
N ALA A 35 -18.75 16.43 -2.30
CA ALA A 35 -19.30 15.98 -1.00
C ALA A 35 -20.75 15.48 -1.07
N GLY A 36 -21.42 15.72 -2.19
CA GLY A 36 -22.85 15.33 -2.33
C GLY A 36 -23.86 16.15 -1.54
N VAL A 37 -23.56 17.43 -1.27
CA VAL A 37 -24.38 18.35 -0.46
C VAL A 37 -24.79 19.58 -1.26
N ALA A 38 -25.76 20.37 -0.75
CA ALA A 38 -26.20 21.60 -1.45
C ALA A 38 -25.17 22.79 -1.44
N LYS A 39 -25.10 23.50 -2.56
CA LYS A 39 -24.02 24.47 -2.87
C LYS A 39 -23.88 25.54 -1.76
N GLY A 40 -25.02 25.93 -1.19
CA GLY A 40 -25.05 26.86 -0.08
C GLY A 40 -24.64 26.26 1.24
N LEU A 41 -24.75 24.94 1.36
CA LEU A 41 -24.40 24.30 2.61
C LEU A 41 -22.93 24.52 3.02
N ILE A 42 -22.05 24.74 2.04
CA ILE A 42 -20.68 25.12 2.35
C ILE A 42 -20.65 26.35 3.25
N PHE A 43 -21.46 27.33 2.88
CA PHE A 43 -21.45 28.60 3.55
C PHE A 43 -22.20 28.57 4.87
N HIS A 44 -22.97 27.53 5.12
CA HIS A 44 -23.49 27.36 6.44
C HIS A 44 -22.35 27.08 7.45
N TYR A 45 -21.42 26.22 7.04
CA TYR A 45 -20.32 25.80 7.91
C TYR A 45 -19.09 26.64 7.82
N PHE A 46 -18.87 27.26 6.67
CA PHE A 46 -17.59 27.87 6.41
C PHE A 46 -17.89 29.25 5.86
N LYS A 47 -17.30 30.25 6.47
CA LYS A 47 -17.58 31.62 6.05
C LYS A 47 -17.29 31.86 4.56
N ASN A 48 -16.14 31.38 4.08
CA ASN A 48 -15.80 31.48 2.67
C ASN A 48 -14.74 30.45 2.27
N LYS A 49 -14.31 30.50 1.03
CA LYS A 49 -13.37 29.52 0.45
C LYS A 49 -12.10 29.48 1.26
N GLU A 50 -11.62 30.66 1.63
CA GLU A 50 -10.42 30.75 2.42
C GLU A 50 -10.55 29.98 3.74
N GLU A 51 -11.63 30.20 4.47
CA GLU A 51 -11.83 29.51 5.75
C GLU A 51 -12.06 28.02 5.53
N LEU A 52 -12.77 27.65 4.47
CA LEU A 52 -12.86 26.24 4.09
C LEU A 52 -11.46 25.63 3.93
N TYR A 53 -10.61 26.24 3.12
CA TYR A 53 -9.23 25.73 2.96
C TYR A 53 -8.48 25.65 4.26
N TYR A 54 -8.55 26.73 5.04
CA TYR A 54 -7.85 26.82 6.32
C TYR A 54 -8.32 25.67 7.25
N GLN A 55 -9.62 25.55 7.43
CA GLN A 55 -10.17 24.47 8.29
C GLN A 55 -9.78 23.07 7.80
N ALA A 56 -9.80 22.86 6.48
CA ALA A 56 -9.35 21.58 5.95
C ALA A 56 -7.89 21.33 6.29
N TYR A 57 -7.09 22.38 6.08
CA TYR A 57 -5.67 22.30 6.32
C TYR A 57 -5.39 22.03 7.78
N MSE A 58 -6.06 22.76 8.67
CA MSE A 58 -5.89 22.54 10.10
C MSE A 58 -6.42 21.18 10.48
O MSE A 58 -5.86 20.54 11.35
CB MSE A 58 -6.60 23.58 10.96
CG MSE A 58 -6.04 25.00 10.87
SE MSE A 58 -4.05 25.16 11.00
CE MSE A 58 -3.34 24.81 9.20
N SER A 59 -7.46 20.69 9.84
CA SER A 59 -7.97 19.35 10.17
C SER A 59 -6.94 18.27 9.86
N VAL A 60 -6.31 18.35 8.69
CA VAL A 60 -5.31 17.36 8.32
C VAL A 60 -4.04 17.42 9.21
N THR A 61 -3.52 18.63 9.45
CA THR A 61 -2.30 18.80 10.22
C THR A 61 -2.48 18.45 11.68
N GLU A 62 -3.63 18.72 12.26
CA GLU A 62 -3.97 18.25 13.59
C GLU A 62 -3.91 16.73 13.71
N LYS A 63 -4.50 16.01 12.76
CA LYS A 63 -4.47 14.55 12.82
C LYS A 63 -3.02 14.07 12.75
N LEU A 64 -2.27 14.64 11.81
CA LEU A 64 -0.86 14.35 11.70
C LEU A 64 -0.10 14.66 12.98
N GLN A 65 -0.38 15.79 13.57
CA GLN A 65 0.30 16.19 14.83
C GLN A 65 0.05 15.20 16.00
N LYS A 66 -1.19 14.73 16.12
CA LYS A 66 -1.52 13.69 17.09
C LYS A 66 -0.70 12.44 16.84
N GLU A 67 -0.63 12.00 15.57
CA GLU A 67 0.22 10.85 15.21
C GLU A 67 1.71 11.08 15.60
N PHE A 68 2.21 12.28 15.32
CA PHE A 68 3.58 12.61 15.67
C PHE A 68 3.79 12.53 17.20
N GLU A 69 2.85 13.04 17.98
CA GLU A 69 2.95 12.91 19.45
C GLU A 69 2.88 11.47 19.97
N ASN A 70 1.98 10.65 19.43
CA ASN A 70 2.01 9.21 19.70
C ASN A 70 3.37 8.58 19.37
N PHE A 71 3.86 8.80 18.17
CA PHE A 71 5.17 8.33 17.79
C PHE A 71 6.24 8.85 18.77
N LEU A 72 6.13 10.10 19.15
CA LEU A 72 7.21 10.69 19.97
C LEU A 72 7.25 10.01 21.34
N MSE A 73 6.08 9.79 21.94
CA MSE A 73 5.96 9.05 23.21
C MSE A 73 6.63 7.70 23.10
O MSE A 73 7.27 7.25 24.06
CB MSE A 73 4.48 8.83 23.65
CG MSE A 73 3.76 10.08 24.19
SE MSE A 73 4.92 11.22 25.32
CE MSE A 73 5.24 12.83 24.23
N LYS A 74 6.51 7.03 21.96
CA LYS A 74 7.05 5.66 21.77
C LYS A 74 8.49 5.58 21.30
N ASN A 75 9.05 6.64 20.72
CA ASN A 75 10.40 6.55 20.16
C ASN A 75 11.36 7.58 20.76
N ARG A 76 10.92 8.34 21.76
CA ARG A 76 11.74 9.41 22.36
C ARG A 76 13.13 9.03 22.83
N ASN A 77 13.36 7.77 23.19
CA ASN A 77 14.67 7.33 23.70
C ASN A 77 15.65 6.94 22.62
N ARG A 78 15.20 6.88 21.37
CA ARG A 78 16.10 6.55 20.26
C ARG A 78 16.96 7.76 20.09
N ASP A 79 18.13 7.61 19.51
CA ASP A 79 18.90 8.79 19.22
C ASP A 79 18.21 9.52 18.09
N ILE A 80 18.57 10.76 17.93
CA ILE A 80 17.89 11.57 16.97
C ILE A 80 17.93 11.10 15.52
N PHE A 81 19.00 10.49 15.09
CA PHE A 81 19.10 10.08 13.70
C PHE A 81 18.13 8.96 13.37
N ASP A 82 18.06 8.00 14.29
CA ASP A 82 17.12 6.89 14.24
C ASP A 82 15.68 7.42 14.37
N PHE A 83 15.47 8.33 15.32
CA PHE A 83 14.13 8.90 15.51
C PHE A 83 13.62 9.58 14.24
N MSE A 84 14.45 10.44 13.67
CA MSE A 84 14.09 11.15 12.44
C MSE A 84 13.90 10.26 11.25
O MSE A 84 12.97 10.43 10.50
CB MSE A 84 15.21 12.10 12.07
CG MSE A 84 15.03 13.43 12.76
SE MSE A 84 16.43 14.68 12.10
CE MSE A 84 15.94 14.64 10.19
N GLU A 85 14.78 9.31 11.04
CA GLU A 85 14.60 8.34 9.98
C GLU A 85 13.21 7.65 10.11
N ARG A 86 12.88 7.25 11.33
CA ARG A 86 11.58 6.52 11.58
C ARG A 86 10.34 7.42 11.34
N TRP A 87 10.51 8.70 11.63
CA TRP A 87 9.40 9.59 11.46
C TRP A 87 9.23 9.84 9.96
N ILE A 88 10.35 9.98 9.25
CA ILE A 88 10.32 10.18 7.81
C ILE A 88 9.70 8.93 7.12
N GLU A 89 10.06 7.77 7.58
CA GLU A 89 9.43 6.51 7.16
C GLU A 89 7.91 6.56 7.34
N LYS A 90 7.43 7.01 8.49
CA LYS A 90 5.99 7.17 8.71
C LYS A 90 5.32 8.17 7.77
N LYS A 91 5.93 9.33 7.53
CA LYS A 91 5.39 10.27 6.59
C LYS A 91 5.39 9.71 5.20
N LEU A 92 6.47 9.02 4.80
CA LEU A 92 6.46 8.34 3.48
C LEU A 92 5.31 7.31 3.40
N GLU A 93 5.03 6.61 4.48
CA GLU A 93 3.93 5.60 4.51
C GLU A 93 2.61 6.29 4.43
N TYR A 94 2.46 7.42 5.14
CA TYR A 94 1.25 8.19 5.12
C TYR A 94 0.97 8.77 3.73
N SER A 95 2.01 9.21 3.07
CA SER A 95 1.85 9.80 1.76
C SER A 95 1.43 8.79 0.70
N ALA A 96 2.01 7.60 0.75
CA ALA A 96 1.65 6.50 -0.13
C ALA A 96 0.26 5.95 0.12
N SER A 97 -0.23 6.07 1.36
CA SER A 97 -1.54 5.57 1.69
C SER A 97 -2.61 6.65 1.60
N HIS A 98 -2.21 7.91 1.73
CA HIS A 98 -3.16 9.01 1.58
C HIS A 98 -2.69 10.05 0.58
N PRO A 99 -2.56 9.64 -0.70
CA PRO A 99 -1.99 10.52 -1.72
C PRO A 99 -2.74 11.85 -1.83
N GLU A 100 -4.06 11.81 -1.65
CA GLU A 100 -4.89 12.99 -1.85
C GLU A 100 -4.65 14.01 -0.72
N GLU A 101 -4.40 13.49 0.48
CA GLU A 101 -4.04 14.36 1.57
C GLU A 101 -2.69 14.97 1.35
N ALA A 102 -1.74 14.18 0.87
CA ALA A 102 -0.40 14.70 0.60
C ALA A 102 -0.43 15.73 -0.50
N ASP A 103 -1.14 15.41 -1.58
CA ASP A 103 -1.39 16.38 -2.65
C ASP A 103 -2.05 17.63 -2.09
N PHE A 104 -3.01 17.44 -1.19
CA PHE A 104 -3.63 18.60 -0.57
C PHE A 104 -2.59 19.48 0.18
N LEU A 105 -1.75 18.90 1.01
CA LEU A 105 -0.88 19.69 1.85
C LEU A 105 0.10 20.52 1.01
N ILE A 106 0.56 19.97 -0.09
CA ILE A 106 1.56 20.65 -0.92
C ILE A 106 0.97 21.83 -1.74
N THR A 107 -0.34 21.97 -1.80
CA THR A 107 -0.95 23.10 -2.51
C THR A 107 -0.72 24.39 -1.75
N LEU A 108 -0.27 24.31 -0.50
CA LEU A 108 -0.03 25.52 0.28
C LEU A 108 0.89 26.55 -0.39
N VAL A 109 1.91 26.08 -1.13
CA VAL A 109 2.86 26.99 -1.75
C VAL A 109 2.21 27.88 -2.80
N SER A 110 1.10 27.44 -3.37
CA SER A 110 0.38 28.24 -4.37
C SER A 110 -0.97 28.83 -3.88
N VAL A 111 -1.16 28.90 -2.60
CA VAL A 111 -2.28 29.57 -1.99
C VAL A 111 -1.98 31.05 -2.04
N ASP A 112 -3.04 31.87 -2.11
CA ASP A 112 -2.99 33.30 -1.91
C ASP A 112 -2.15 33.65 -0.73
N GLU A 113 -1.36 34.70 -0.96
CA GLU A 113 -0.37 35.15 -0.02
C GLU A 113 -0.91 35.27 1.39
N GLY A 114 -2.04 35.93 1.57
CA GLY A 114 -2.50 36.24 2.95
C GLY A 114 -2.81 34.98 3.73
N LEU A 115 -3.57 34.08 3.10
CA LEU A 115 -3.94 32.78 3.72
C LEU A 115 -2.71 31.90 3.95
N ARG A 116 -1.82 31.89 2.97
CA ARG A 116 -0.62 31.09 3.06
C ARG A 116 0.23 31.52 4.24
N LYS A 117 0.45 32.83 4.40
CA LYS A 117 1.26 33.32 5.54
C LYS A 117 0.59 32.91 6.82
N ARG A 118 -0.72 33.03 6.84
CA ARG A 118 -1.48 32.74 8.05
C ARG A 118 -1.24 31.28 8.46
N ILE A 119 -1.40 30.36 7.51
CA ILE A 119 -1.19 28.95 7.78
C ILE A 119 0.28 28.64 8.09
N LEU A 120 1.23 29.20 7.31
CA LEU A 120 2.68 28.99 7.58
C LEU A 120 2.99 29.40 9.00
N LEU A 121 2.34 30.44 9.50
CA LEU A 121 2.57 30.84 10.90
C LEU A 121 2.02 29.77 11.86
N ASP A 122 0.84 29.21 11.56
CA ASP A 122 0.28 28.16 12.44
C ASP A 122 1.14 26.93 12.50
N LEU A 123 1.73 26.58 11.36
CA LEU A 123 2.52 25.36 11.28
C LEU A 123 3.84 25.49 12.07
N GLU A 124 4.41 26.69 12.04
CA GLU A 124 5.61 27.05 12.83
C GLU A 124 5.42 26.80 14.30
N LYS A 125 4.19 26.97 14.78
CA LYS A 125 3.86 26.71 16.16
C LYS A 125 3.88 25.22 16.55
N SER A 126 4.07 24.30 15.60
CA SER A 126 4.56 22.93 15.93
C SER A 126 5.99 22.60 15.47
N GLN A 127 6.43 23.22 14.39
CA GLN A 127 7.78 23.04 13.88
C GLN A 127 8.86 23.55 14.84
N ARG A 128 8.59 24.68 15.53
CA ARG A 128 9.51 25.22 16.56
C ARG A 128 9.59 24.28 17.79
N VAL A 129 8.56 23.47 18.01
CA VAL A 129 8.58 22.44 19.05
C VAL A 129 9.51 21.28 18.64
N PHE A 130 9.29 20.72 17.46
CA PHE A 130 10.08 19.60 16.98
C PHE A 130 11.54 20.06 16.94
N PHE A 131 11.76 21.21 16.33
CA PHE A 131 13.08 21.90 16.26
C PHE A 131 13.74 21.84 17.62
N ASP A 132 13.02 22.20 18.66
CA ASP A 132 13.58 22.17 20.02
C ASP A 132 13.84 20.77 20.59
N PHE A 133 13.01 19.81 20.23
CA PHE A 133 13.24 18.43 20.59
C PHE A 133 14.55 17.97 19.93
N VAL A 134 14.72 18.31 18.65
CA VAL A 134 15.95 18.00 17.95
C VAL A 134 17.16 18.63 18.69
N ARG A 135 17.06 19.91 19.02
CA ARG A 135 18.14 20.61 19.78
C ARG A 135 18.50 19.87 21.09
N GLU A 136 17.46 19.45 21.82
CA GLU A 136 17.66 18.74 23.08
C GLU A 136 18.32 17.39 22.87
N LYS A 137 17.87 16.65 21.84
CA LYS A 137 18.46 15.36 21.56
C LYS A 137 19.92 15.50 21.16
N LEU A 138 20.25 16.60 20.50
CA LEU A 138 21.62 16.91 20.10
C LEU A 138 22.54 17.06 21.28
N LYS A 139 22.08 17.63 22.37
CA LYS A 139 22.87 17.76 23.60
C LYS A 139 23.23 16.42 24.25
N ASP A 140 22.43 15.38 23.99
CA ASP A 140 22.73 14.03 24.48
C ASP A 140 23.92 13.40 23.80
N LEU A 141 24.35 13.93 22.67
CA LEU A 141 25.39 13.33 21.87
C LEU A 141 26.73 13.97 22.14
N ASP A 142 27.79 13.22 21.87
CA ASP A 142 29.14 13.75 21.78
CA ASP A 142 29.13 13.74 21.80
C ASP A 142 29.37 14.12 20.32
N LEU A 143 29.34 15.41 20.02
CA LEU A 143 29.48 15.92 18.65
C LEU A 143 30.93 15.88 18.19
N ALA A 144 31.11 15.69 16.89
CA ALA A 144 32.44 15.60 16.33
C ALA A 144 33.11 16.96 16.39
N GLU A 145 34.41 16.96 16.25
CA GLU A 145 35.19 18.20 16.23
C GLU A 145 34.65 19.19 15.20
N ASP A 146 34.45 20.41 15.69
CA ASP A 146 33.89 21.53 14.91
C ASP A 146 32.41 21.48 14.57
N VAL A 147 31.77 20.37 14.88
CA VAL A 147 30.36 20.29 14.65
C VAL A 147 29.72 20.92 15.89
N THR A 148 29.26 22.16 15.75
CA THR A 148 28.55 22.82 16.79
C THR A 148 27.07 22.38 16.76
N GLU A 149 26.42 22.62 17.88
CA GLU A 149 24.98 22.37 17.99
C GLU A 149 24.23 23.18 16.91
N GLU A 150 24.59 24.48 16.67
CA GLU A 150 23.83 25.26 15.71
C GLU A 150 24.01 24.67 14.35
N ILE A 151 25.21 24.22 13.99
CA ILE A 151 25.40 23.65 12.63
C ILE A 151 24.64 22.27 12.52
N ALA A 152 24.82 21.43 13.48
CA ALA A 152 24.13 20.11 13.48
C ALA A 152 22.66 20.29 13.30
N LEU A 153 22.08 21.24 14.04
CA LEU A 153 20.66 21.51 13.97
C LEU A 153 20.22 22.15 12.66
N LYS A 154 20.95 23.17 12.16
CA LYS A 154 20.65 23.74 10.83
C LYS A 154 20.60 22.64 9.77
N PHE A 155 21.64 21.85 9.72
CA PHE A 155 21.84 20.86 8.68
C PHE A 155 20.71 19.79 8.78
N LEU A 156 20.42 19.30 9.98
CA LEU A 156 19.39 18.29 10.14
C LEU A 156 18.02 18.82 9.78
N MSE A 157 17.74 20.09 10.10
CA MSE A 157 16.42 20.69 9.83
C MSE A 157 16.28 20.98 8.35
O MSE A 157 15.21 20.88 7.83
CB MSE A 157 16.07 21.96 10.66
CG MSE A 157 15.87 21.66 12.16
SE MSE A 157 14.55 20.15 12.47
CE MSE A 157 15.52 18.51 12.18
N TRP A 158 17.36 21.38 7.71
N TRP A 158 17.37 21.38 7.69
CA TRP A 158 17.36 21.51 6.24
CA TRP A 158 17.40 21.50 6.19
C TRP A 158 17.14 20.15 5.54
C TRP A 158 17.14 20.15 5.53
N PHE A 159 17.78 19.11 6.03
CA PHE A 159 17.58 17.76 5.52
C PHE A 159 16.10 17.42 5.66
N PHE A 160 15.55 17.62 6.84
CA PHE A 160 14.19 17.19 7.14
C PHE A 160 13.21 18.00 6.31
N SER A 161 13.52 19.28 6.10
CA SER A 161 12.60 20.17 5.42
CA SER A 161 12.62 20.20 5.39
C SER A 161 12.53 19.88 3.91
N GLY A 162 13.55 19.22 3.38
CA GLY A 162 13.52 18.78 2.00
C GLY A 162 12.50 17.70 1.61
N PHE A 163 11.77 17.17 2.57
CA PHE A 163 10.77 16.15 2.26
C PHE A 163 9.74 16.74 1.28
N GLU A 164 9.28 17.95 1.61
CA GLU A 164 8.15 18.55 0.93
C GLU A 164 8.52 18.99 -0.47
N GLU A 165 9.76 19.47 -0.60
CA GLU A 165 10.26 19.87 -1.86
C GLU A 165 10.42 18.70 -2.81
N VAL A 166 10.99 17.61 -2.37
CA VAL A 166 11.01 16.41 -3.24
C VAL A 166 9.60 16.03 -3.68
N TYR A 167 8.65 16.08 -2.75
CA TYR A 167 7.28 15.61 -3.03
C TYR A 167 6.69 16.44 -4.15
N LEU A 168 6.67 17.75 -3.91
CA LEU A 168 6.20 18.70 -4.90
C LEU A 168 6.85 18.45 -6.26
N ARG A 169 8.17 18.24 -6.26
CA ARG A 169 8.90 18.11 -7.53
C ARG A 169 8.68 16.79 -8.23
N THR A 170 8.45 15.71 -7.50
CA THR A 170 8.48 14.40 -8.12
C THR A 170 7.20 13.59 -7.96
N TYR A 171 6.44 13.76 -6.88
CA TYR A 171 5.37 12.81 -6.59
C TYR A 171 3.96 13.35 -6.52
N GLN A 172 3.84 14.67 -6.55
CA GLN A 172 2.56 15.35 -6.55
C GLN A 172 1.70 14.87 -7.72
N GLY A 173 0.52 14.27 -7.49
CA GLY A 173 -0.30 13.84 -8.62
C GLY A 173 0.14 12.52 -9.23
N LYS A 174 1.20 11.91 -8.70
CA LYS A 174 1.69 10.61 -9.16
C LYS A 174 1.69 9.58 -8.03
N PRO A 175 0.51 9.13 -7.66
CA PRO A 175 0.46 8.15 -6.60
C PRO A 175 1.16 6.81 -6.92
N GLU A 176 1.06 6.32 -8.14
CA GLU A 176 1.68 5.05 -8.54
CA GLU A 176 1.69 5.03 -8.54
C GLU A 176 3.20 5.10 -8.48
N LEU A 177 3.76 6.25 -8.85
CA LEU A 177 5.19 6.41 -8.81
C LEU A 177 5.70 6.42 -7.40
N LEU A 178 5.00 7.10 -6.49
CA LEU A 178 5.49 7.13 -5.09
C LEU A 178 5.40 5.75 -4.48
N LYS A 179 4.31 5.05 -4.78
CA LYS A 179 4.16 3.66 -4.29
C LYS A 179 5.29 2.81 -4.80
N ARG A 180 5.59 2.94 -6.10
CA ARG A 180 6.71 2.22 -6.69
C ARG A 180 8.00 2.55 -5.99
N ASP A 181 8.24 3.81 -5.68
CA ASP A 181 9.53 4.24 -5.05
C ASP A 181 9.64 4.17 -3.53
N MSE A 182 8.52 4.07 -2.83
CA MSE A 182 8.52 4.15 -1.36
C MSE A 182 9.60 3.42 -0.59
O MSE A 182 10.33 4.06 0.21
CB MSE A 182 7.20 3.68 -0.75
CG MSE A 182 7.21 4.35 0.62
SE MSE A 182 5.67 3.71 1.61
CE MSE A 182 6.54 2.13 2.43
N ASN A 183 9.73 2.11 -0.80
CA ASN A 183 10.75 1.33 -0.05
C ASN A 183 12.21 1.76 -0.35
N THR A 184 12.45 2.15 -1.58
CA THR A 184 13.76 2.63 -2.01
C THR A 184 14.03 4.01 -1.38
N LEU A 185 13.03 4.88 -1.27
CA LEU A 185 13.22 6.17 -0.63
C LEU A 185 13.55 5.98 0.80
N VAL A 186 12.89 5.02 1.46
CA VAL A 186 13.19 4.67 2.85
C VAL A 186 14.61 4.16 3.05
N GLU A 187 15.00 3.24 2.19
CA GLU A 187 16.35 2.71 2.16
C GLU A 187 17.39 3.84 1.98
N GLU A 188 17.11 4.79 1.12
CA GLU A 188 18.04 5.94 0.90
C GLU A 188 18.06 6.91 2.06
N VAL A 189 16.91 7.17 2.65
CA VAL A 189 16.85 8.01 3.86
C VAL A 189 17.64 7.43 4.99
N LYS A 190 17.52 6.13 5.18
CA LYS A 190 18.34 5.51 6.21
C LYS A 190 19.85 5.75 5.98
N VAL A 191 20.28 5.56 4.75
CA VAL A 191 21.76 5.69 4.49
C VAL A 191 22.19 7.16 4.69
N MSE A 192 21.36 8.08 4.26
CA MSE A 192 21.68 9.49 4.37
C MSE A 192 21.77 9.93 5.79
O MSE A 192 22.63 10.77 6.15
CB MSE A 192 20.65 10.30 3.59
CG MSE A 192 20.86 10.19 2.09
SE MSE A 192 19.40 11.12 1.14
CE MSE A 192 19.75 10.53 -0.74
N LEU A 193 20.87 9.41 6.62
CA LEU A 193 20.91 9.69 8.06
C LEU A 193 22.05 8.98 8.74
N ARG A 194 22.38 7.78 8.33
CA ARG A 194 23.59 7.18 8.84
C ARG A 194 24.85 8.04 8.41
N ILE A 195 24.86 8.59 7.21
CA ILE A 195 26.02 9.46 6.73
C ILE A 195 26.14 10.63 7.73
N LEU A 196 25.00 11.25 8.04
CA LEU A 196 24.98 12.43 8.92
C LEU A 196 25.35 12.09 10.36
N LYS A 197 24.84 10.97 10.85
CA LYS A 197 25.27 10.52 12.15
C LYS A 197 26.82 10.29 12.29
N LYS A 198 27.37 9.51 11.36
CA LYS A 198 28.78 9.23 11.36
C LYS A 198 29.61 10.54 11.24
N GLY A 199 29.14 11.50 10.46
CA GLY A 199 29.91 12.72 10.23
C GLY A 199 29.79 13.74 11.34
N MSE A 200 28.66 13.73 12.05
CA MSE A 200 28.36 14.71 13.06
C MSE A 200 28.83 14.32 14.41
O MSE A 200 29.10 15.18 15.26
CB MSE A 200 26.87 14.88 13.22
CG MSE A 200 26.35 15.64 12.03
SE MSE A 200 24.43 16.09 12.33
CE MSE A 200 24.09 17.06 10.65
N THR A 201 28.97 13.03 14.65
CA THR A 201 29.32 12.58 16.00
C THR A 201 30.75 12.10 16.08
N LYS A 202 31.26 12.05 17.31
CA LYS A 202 32.62 11.66 17.56
C LYS A 202 32.73 10.15 17.39
N MSE B 3 5.09 -8.21 -29.60
CA MSE B 3 4.19 -7.40 -28.71
C MSE B 3 2.75 -7.87 -28.69
O MSE B 3 2.34 -8.69 -29.52
CB MSE B 3 4.20 -5.91 -29.05
CG MSE B 3 3.17 -5.55 -30.12
SE MSE B 3 3.62 -3.79 -30.88
CE MSE B 3 5.31 -4.32 -31.75
N LEU B 4 1.96 -7.29 -27.78
CA LEU B 4 0.68 -7.87 -27.34
C LEU B 4 -0.42 -7.89 -28.41
N SER B 5 -0.99 -9.07 -28.64
CA SER B 5 -2.33 -9.23 -29.23
C SER B 5 -3.27 -8.16 -28.76
N LYS B 6 -4.23 -7.80 -29.60
CA LYS B 6 -5.32 -6.98 -29.13
C LYS B 6 -6.09 -7.69 -28.00
N ARG B 7 -6.31 -9.00 -28.15
CA ARG B 7 -7.01 -9.75 -27.13
C ARG B 7 -6.25 -9.73 -25.82
N ASP B 8 -4.94 -9.93 -25.91
CA ASP B 8 -4.09 -9.97 -24.74
C ASP B 8 -3.99 -8.61 -24.09
N ALA B 9 -4.04 -7.55 -24.91
CA ALA B 9 -3.98 -6.20 -24.39
C ALA B 9 -5.30 -5.89 -23.65
N ILE B 10 -6.43 -6.33 -24.21
CA ILE B 10 -7.73 -6.22 -23.52
C ILE B 10 -7.74 -6.98 -22.18
N LEU B 11 -7.30 -8.22 -22.18
CA LEU B 11 -7.22 -9.01 -20.97
C LEU B 11 -6.34 -8.34 -19.92
N LYS B 12 -5.18 -7.80 -20.33
CA LYS B 12 -4.29 -7.13 -19.40
C LYS B 12 -4.96 -5.87 -18.79
N ALA B 13 -5.59 -5.09 -19.64
CA ALA B 13 -6.34 -3.94 -19.22
C ALA B 13 -7.48 -4.34 -18.25
N ALA B 14 -8.14 -5.47 -18.52
CA ALA B 14 -9.22 -5.91 -17.69
C ALA B 14 -8.78 -6.26 -16.30
N VAL B 15 -7.65 -6.96 -16.21
CA VAL B 15 -7.04 -7.29 -14.94
C VAL B 15 -6.84 -6.02 -14.11
N GLU B 16 -6.22 -5.02 -14.77
CA GLU B 16 -5.84 -3.79 -14.08
C GLU B 16 -7.06 -3.05 -13.59
N VAL B 17 -8.05 -2.90 -14.46
CA VAL B 17 -9.23 -2.11 -14.16
C VAL B 17 -10.19 -2.83 -13.18
N PHE B 18 -10.46 -4.12 -13.41
CA PHE B 18 -11.25 -4.88 -12.47
C PHE B 18 -10.63 -4.89 -11.07
N GLY B 19 -9.32 -5.04 -11.02
CA GLY B 19 -8.63 -5.07 -9.76
C GLY B 19 -8.60 -3.72 -9.01
N LYS B 20 -8.51 -2.61 -9.74
CA LYS B 20 -8.46 -1.29 -9.12
C LYS B 20 -9.87 -0.83 -8.73
N LYS B 21 -10.87 -1.01 -9.62
CA LYS B 21 -12.21 -0.55 -9.32
C LYS B 21 -13.22 -1.60 -8.83
N GLY B 22 -12.89 -2.88 -8.91
CA GLY B 22 -13.90 -3.93 -8.56
C GLY B 22 -14.73 -4.25 -9.79
N TYR B 23 -15.42 -5.39 -9.76
CA TYR B 23 -16.27 -5.84 -10.87
C TYR B 23 -17.34 -4.83 -11.23
N ASP B 24 -18.10 -4.43 -10.22
CA ASP B 24 -19.32 -3.70 -10.45
C ASP B 24 -19.10 -2.35 -11.13
N ARG B 25 -18.11 -1.62 -10.70
CA ARG B 25 -17.90 -0.28 -11.20
C ARG B 25 -16.98 -0.19 -12.41
N ALA B 26 -16.19 -1.22 -12.65
CA ALA B 26 -15.42 -1.29 -13.91
C ALA B 26 -16.33 -1.30 -15.13
N THR B 27 -15.89 -0.61 -16.17
CA THR B 27 -16.61 -0.53 -17.42
C THR B 27 -15.74 -1.05 -18.57
N THR B 28 -16.39 -1.64 -19.56
CA THR B 28 -15.72 -2.12 -20.76
C THR B 28 -15.15 -0.96 -21.57
N ASP B 29 -15.79 0.20 -21.55
CA ASP B 29 -15.20 1.40 -22.19
C ASP B 29 -13.82 1.74 -21.60
N GLU B 30 -13.70 1.82 -20.28
CA GLU B 30 -12.39 2.05 -19.62
C GLU B 30 -11.34 1.03 -20.00
N ILE B 31 -11.74 -0.23 -20.00
CA ILE B 31 -10.84 -1.30 -20.30
C ILE B 31 -10.37 -1.15 -21.78
N ALA B 32 -11.31 -0.86 -22.69
CA ALA B 32 -10.97 -0.67 -24.12
C ALA B 32 -9.95 0.47 -24.35
N GLU B 33 -10.20 1.64 -23.80
CA GLU B 33 -9.22 2.76 -23.97
C GLU B 33 -7.86 2.45 -23.34
N LYS B 34 -7.85 1.86 -22.15
CA LYS B 34 -6.64 1.39 -21.53
C LYS B 34 -5.87 0.42 -22.40
N ALA B 35 -6.57 -0.50 -23.04
CA ALA B 35 -5.92 -1.38 -23.96
C ALA B 35 -5.61 -0.75 -25.33
N GLY B 36 -6.11 0.44 -25.59
CA GLY B 36 -5.83 1.13 -26.84
C GLY B 36 -6.53 0.56 -28.04
N VAL B 37 -7.71 -0.04 -27.81
CA VAL B 37 -8.52 -0.64 -28.88
C VAL B 37 -9.81 0.15 -29.07
N ALA B 38 -10.39 0.12 -30.26
CA ALA B 38 -11.66 0.84 -30.48
C ALA B 38 -12.81 0.37 -29.57
N LYS B 39 -13.66 1.33 -29.15
CA LYS B 39 -14.64 1.20 -28.02
C LYS B 39 -15.60 0.01 -28.19
N GLY B 40 -15.99 -0.20 -29.43
CA GLY B 40 -16.94 -1.25 -29.79
C GLY B 40 -16.29 -2.54 -30.15
N LEU B 41 -15.00 -2.49 -30.46
CA LEU B 41 -14.27 -3.68 -30.84
C LEU B 41 -14.23 -4.75 -29.74
N ILE B 42 -14.21 -4.32 -28.49
CA ILE B 42 -14.09 -5.27 -27.41
C ILE B 42 -15.19 -6.32 -27.36
N PHE B 43 -16.38 -5.97 -27.86
CA PHE B 43 -17.49 -6.91 -27.90
C PHE B 43 -17.30 -7.90 -28.99
N HIS B 44 -16.35 -7.63 -29.89
CA HIS B 44 -16.04 -8.60 -30.91
C HIS B 44 -15.22 -9.71 -30.28
N TYR B 45 -14.42 -9.39 -29.25
CA TYR B 45 -13.66 -10.41 -28.57
C TYR B 45 -14.38 -11.05 -27.39
N PHE B 46 -15.29 -10.34 -26.77
CA PHE B 46 -15.88 -10.78 -25.50
C PHE B 46 -17.33 -10.35 -25.52
N LYS B 47 -18.26 -11.30 -25.42
CA LYS B 47 -19.68 -11.04 -25.55
C LYS B 47 -20.10 -9.87 -24.66
N ASN B 48 -19.67 -9.87 -23.42
CA ASN B 48 -20.03 -8.80 -22.49
C ASN B 48 -19.09 -8.73 -21.31
N LYS B 49 -19.41 -7.87 -20.36
CA LYS B 49 -18.52 -7.65 -19.24
C LYS B 49 -18.27 -8.89 -18.38
N GLU B 50 -19.33 -9.66 -18.16
CA GLU B 50 -19.22 -10.91 -17.44
C GLU B 50 -18.25 -11.91 -18.13
N GLU B 51 -18.35 -12.06 -19.43
CA GLU B 51 -17.44 -13.00 -20.15
C GLU B 51 -16.01 -12.44 -20.21
N LEU B 52 -15.89 -11.14 -20.34
CA LEU B 52 -14.55 -10.50 -20.18
C LEU B 52 -13.94 -10.80 -18.85
N TYR B 53 -14.69 -10.64 -17.75
CA TYR B 53 -14.18 -11.00 -16.44
C TYR B 53 -13.81 -12.45 -16.31
N TYR B 54 -14.70 -13.32 -16.75
CA TYR B 54 -14.44 -14.77 -16.74
C TYR B 54 -13.17 -15.15 -17.52
N GLN B 55 -13.11 -14.74 -18.78
CA GLN B 55 -11.92 -15.02 -19.58
C GLN B 55 -10.62 -14.47 -18.94
N ALA B 56 -10.67 -13.27 -18.37
CA ALA B 56 -9.49 -12.72 -17.68
C ALA B 56 -9.08 -13.60 -16.50
N TYR B 57 -10.08 -13.95 -15.70
CA TYR B 57 -9.85 -14.77 -14.52
C TYR B 57 -9.28 -16.13 -14.89
N MSE B 58 -9.84 -16.79 -15.91
CA MSE B 58 -9.29 -18.07 -16.39
C MSE B 58 -7.92 -17.88 -16.97
O MSE B 58 -7.05 -18.69 -16.79
CB MSE B 58 -10.12 -18.74 -17.47
CG MSE B 58 -11.52 -19.16 -17.06
SE MSE B 58 -11.60 -20.15 -15.35
CE MSE B 58 -11.41 -18.85 -13.92
N SER B 59 -7.71 -16.77 -17.67
CA SER B 59 -6.38 -16.51 -18.20
C SER B 59 -5.34 -16.40 -17.08
N VAL B 60 -5.64 -15.64 -16.02
CA VAL B 60 -4.65 -15.44 -14.91
C VAL B 60 -4.37 -16.72 -14.15
N THR B 61 -5.43 -17.43 -13.82
CA THR B 61 -5.26 -18.64 -13.08
C THR B 61 -4.48 -19.69 -13.87
N GLU B 62 -4.71 -19.81 -15.17
CA GLU B 62 -3.93 -20.70 -16.01
C GLU B 62 -2.45 -20.39 -15.97
N LYS B 63 -2.10 -19.13 -16.06
CA LYS B 63 -0.67 -18.75 -15.96
C LYS B 63 -0.10 -19.13 -14.60
N LEU B 64 -0.83 -18.80 -13.55
CA LEU B 64 -0.43 -19.16 -12.16
C LEU B 64 -0.29 -20.66 -11.97
N GLN B 65 -1.21 -21.42 -12.54
CA GLN B 65 -1.13 -22.87 -12.47
C GLN B 65 0.14 -23.42 -13.16
N LYS B 66 0.49 -22.85 -14.30
CA LYS B 66 1.71 -23.23 -15.02
C LYS B 66 2.90 -23.00 -14.16
N GLU B 67 2.95 -21.84 -13.52
CA GLU B 67 4.07 -21.48 -12.61
C GLU B 67 4.14 -22.48 -11.45
N PHE B 68 2.98 -22.83 -10.91
CA PHE B 68 2.95 -23.82 -9.85
C PHE B 68 3.55 -25.12 -10.35
N GLU B 69 3.20 -25.54 -11.57
CA GLU B 69 3.72 -26.83 -12.10
C GLU B 69 5.22 -26.80 -12.35
N ASN B 70 5.73 -25.70 -12.86
CA ASN B 70 7.17 -25.43 -12.84
C ASN B 70 7.79 -25.61 -11.44
N PHE B 71 7.27 -24.85 -10.49
CA PHE B 71 7.76 -24.92 -9.11
C PHE B 71 7.68 -26.35 -8.56
N LEU B 72 6.59 -27.04 -8.87
CA LEU B 72 6.38 -28.35 -8.33
C LEU B 72 7.44 -29.33 -8.87
N MSE B 73 7.71 -29.30 -10.16
N MSE B 73 7.68 -29.28 -10.17
CA MSE B 73 8.72 -30.21 -10.66
CA MSE B 73 8.78 -30.06 -10.78
C MSE B 73 10.12 -29.87 -10.12
C MSE B 73 10.12 -29.86 -10.10
O MSE B 73 10.92 -30.77 -9.98
O MSE B 73 10.86 -30.79 -9.90
CB MSE B 73 8.62 -30.36 -12.20
CB MSE B 73 8.98 -29.71 -12.25
CG MSE B 73 7.30 -30.98 -12.69
CG MSE B 73 10.07 -30.60 -12.86
SE MSE B 73 6.54 -32.46 -11.58
SE MSE B 73 11.59 -29.51 -13.46
CE MSE B 73 4.66 -32.34 -12.22
CE MSE B 73 13.04 -30.32 -12.40
N LYS B 74 10.41 -28.62 -9.73
CA LYS B 74 11.70 -28.28 -9.11
C LYS B 74 11.78 -28.66 -7.62
N ASN B 75 10.65 -28.63 -6.90
CA ASN B 75 10.72 -28.74 -5.43
C ASN B 75 9.99 -29.94 -4.86
N ARG B 76 9.50 -30.78 -5.76
CA ARG B 76 8.80 -32.07 -5.50
C ARG B 76 9.31 -32.95 -4.32
N ASN B 77 10.63 -33.00 -4.15
CA ASN B 77 11.26 -33.88 -3.17
C ASN B 77 11.43 -33.27 -1.80
N ARG B 78 11.13 -31.99 -1.66
CA ARG B 78 11.20 -31.33 -0.35
C ARG B 78 10.06 -31.85 0.48
N ASP B 79 10.17 -31.78 1.80
CA ASP B 79 9.01 -32.22 2.59
C ASP B 79 7.96 -31.15 2.46
N ILE B 80 6.75 -31.50 2.80
CA ILE B 80 5.66 -30.57 2.57
C ILE B 80 5.78 -29.22 3.28
N PHE B 81 6.36 -29.20 4.45
CA PHE B 81 6.44 -27.95 5.19
C PHE B 81 7.40 -26.98 4.46
N ASP B 82 8.52 -27.50 3.98
CA ASP B 82 9.54 -26.72 3.19
C ASP B 82 8.96 -26.33 1.85
N PHE B 83 8.26 -27.29 1.21
CA PHE B 83 7.60 -27.00 -0.05
C PHE B 83 6.59 -25.84 0.06
N MSE B 84 5.72 -25.90 1.05
CA MSE B 84 4.67 -24.91 1.26
C MSE B 84 5.29 -23.59 1.61
O MSE B 84 4.89 -22.55 1.09
CB MSE B 84 3.75 -25.33 2.40
CG MSE B 84 2.42 -26.00 2.06
SE MSE B 84 0.96 -25.68 3.45
CE MSE B 84 1.08 -23.72 3.47
N GLU B 85 6.25 -23.57 2.50
CA GLU B 85 6.92 -22.31 2.84
C GLU B 85 7.46 -21.64 1.57
N ARG B 86 8.11 -22.44 0.71
CA ARG B 86 8.78 -21.87 -0.50
C ARG B 86 7.76 -21.37 -1.53
N TRP B 87 6.66 -22.08 -1.64
CA TRP B 87 5.60 -21.67 -2.53
C TRP B 87 4.97 -20.39 -2.04
N ILE B 88 4.78 -20.28 -0.74
CA ILE B 88 4.23 -19.08 -0.16
C ILE B 88 5.16 -17.91 -0.42
N GLU B 89 6.43 -18.13 -0.23
CA GLU B 89 7.44 -17.10 -0.47
C GLU B 89 7.31 -16.62 -1.95
N LYS B 90 7.21 -17.57 -2.90
CA LYS B 90 7.02 -17.22 -4.28
C LYS B 90 5.74 -16.42 -4.52
N LYS B 91 4.61 -16.83 -3.93
CA LYS B 91 3.37 -16.08 -4.08
C LYS B 91 3.51 -14.68 -3.48
N LEU B 92 4.16 -14.56 -2.32
CA LEU B 92 4.39 -13.24 -1.72
C LEU B 92 5.18 -12.35 -2.68
N GLU B 93 6.16 -12.94 -3.35
CA GLU B 93 7.01 -12.21 -4.31
C GLU B 93 6.23 -11.86 -5.58
N TYR B 94 5.38 -12.79 -6.03
CA TYR B 94 4.55 -12.57 -7.20
C TYR B 94 3.52 -11.47 -6.93
N SER B 95 2.96 -11.44 -5.74
CA SER B 95 1.96 -10.44 -5.37
C SER B 95 2.58 -9.05 -5.31
N ALA B 96 3.80 -8.94 -4.76
CA ALA B 96 4.49 -7.64 -4.68
C ALA B 96 4.96 -7.18 -6.08
N SER B 97 5.17 -8.12 -7.00
CA SER B 97 5.65 -7.82 -8.34
C SER B 97 4.53 -7.65 -9.35
N HIS B 98 3.38 -8.30 -9.09
CA HIS B 98 2.20 -8.21 -9.94
C HIS B 98 1.00 -7.77 -9.12
N PRO B 99 1.05 -6.58 -8.52
CA PRO B 99 0.00 -6.17 -7.59
C PRO B 99 -1.39 -6.21 -8.25
N GLU B 100 -1.43 -5.88 -9.54
CA GLU B 100 -2.70 -5.69 -10.24
C GLU B 100 -3.37 -7.05 -10.43
N GLU B 101 -2.57 -8.08 -10.67
CA GLU B 101 -3.06 -9.41 -10.78
C GLU B 101 -3.60 -9.91 -9.47
N ALA B 102 -2.89 -9.63 -8.38
CA ALA B 102 -3.33 -10.07 -7.05
C ALA B 102 -4.59 -9.34 -6.62
N ASP B 103 -4.59 -8.04 -6.83
CA ASP B 103 -5.80 -7.25 -6.62
C ASP B 103 -6.95 -7.77 -7.49
N PHE B 104 -6.64 -8.15 -8.73
CA PHE B 104 -7.68 -8.72 -9.56
C PHE B 104 -8.28 -10.01 -8.96
N LEU B 105 -7.45 -10.92 -8.51
CA LEU B 105 -7.94 -12.24 -8.09
C LEU B 105 -8.90 -12.15 -6.91
N ILE B 106 -8.64 -11.20 -6.02
CA ILE B 106 -9.50 -11.06 -4.83
C ILE B 106 -10.88 -10.46 -5.07
N THR B 107 -11.08 -9.86 -6.23
CA THR B 107 -12.40 -9.37 -6.59
C THR B 107 -13.44 -10.51 -6.76
N LEU B 108 -13.02 -11.77 -6.87
CA LEU B 108 -13.98 -12.87 -7.11
C LEU B 108 -15.09 -12.97 -6.06
N VAL B 109 -14.78 -12.69 -4.79
CA VAL B 109 -15.81 -12.77 -3.74
C VAL B 109 -16.95 -11.76 -3.92
N SER B 110 -16.68 -10.64 -4.58
CA SER B 110 -17.68 -9.61 -4.77
C SER B 110 -18.37 -9.61 -6.13
N VAL B 111 -18.09 -10.57 -7.00
CA VAL B 111 -18.73 -10.57 -8.29
C VAL B 111 -20.04 -11.31 -8.15
N ASP B 112 -20.80 -11.20 -9.21
CA ASP B 112 -22.14 -11.73 -9.26
C ASP B 112 -22.19 -13.24 -9.11
N GLU B 113 -23.14 -13.66 -8.28
CA GLU B 113 -23.25 -15.01 -7.79
C GLU B 113 -23.12 -16.05 -8.88
N GLY B 114 -23.87 -15.88 -9.97
CA GLY B 114 -23.80 -16.83 -11.08
C GLY B 114 -22.38 -16.98 -11.58
N LEU B 115 -21.71 -15.83 -11.77
CA LEU B 115 -20.38 -15.79 -12.37
C LEU B 115 -19.34 -16.47 -11.48
N ARG B 116 -19.43 -16.17 -10.19
CA ARG B 116 -18.56 -16.79 -9.23
C ARG B 116 -18.75 -18.30 -9.20
N LYS B 117 -19.99 -18.79 -9.17
CA LYS B 117 -20.21 -20.25 -9.13
C LYS B 117 -19.57 -20.91 -10.36
N ARG B 118 -19.66 -20.29 -11.55
CA ARG B 118 -19.08 -20.89 -12.75
C ARG B 118 -17.57 -20.96 -12.66
N ILE B 119 -16.96 -19.84 -12.27
CA ILE B 119 -15.52 -19.78 -12.06
C ILE B 119 -15.14 -20.87 -11.04
N LEU B 120 -15.84 -20.91 -9.92
CA LEU B 120 -15.49 -21.93 -8.93
C LEU B 120 -15.62 -23.33 -9.51
N LEU B 121 -16.65 -23.60 -10.30
CA LEU B 121 -16.74 -24.92 -10.93
C LEU B 121 -15.52 -25.20 -11.85
N ASP B 122 -15.12 -24.19 -12.63
CA ASP B 122 -14.03 -24.31 -13.62
C ASP B 122 -12.63 -24.40 -12.97
N LEU B 123 -12.51 -24.03 -11.69
CA LEU B 123 -11.28 -24.19 -10.90
C LEU B 123 -11.15 -25.42 -9.99
N GLU B 124 -12.25 -26.11 -9.70
CA GLU B 124 -12.20 -27.32 -8.88
C GLU B 124 -11.17 -28.35 -9.34
N LYS B 125 -10.98 -28.52 -10.65
CA LYS B 125 -10.05 -29.53 -11.14
C LYS B 125 -8.65 -29.19 -10.60
N SER B 126 -8.27 -27.94 -10.70
CA SER B 126 -6.91 -27.56 -10.35
C SER B 126 -6.76 -27.54 -8.83
N GLN B 127 -7.80 -27.18 -8.10
CA GLN B 127 -7.74 -27.16 -6.64
CA GLN B 127 -7.68 -27.16 -6.65
C GLN B 127 -7.67 -28.57 -6.03
N ARG B 128 -8.37 -29.52 -6.67
CA ARG B 128 -8.32 -30.93 -6.26
C ARG B 128 -6.91 -31.51 -6.49
N VAL B 129 -6.14 -30.94 -7.41
CA VAL B 129 -4.72 -31.32 -7.62
C VAL B 129 -3.81 -30.90 -6.49
N PHE B 130 -3.81 -29.61 -6.11
CA PHE B 130 -2.94 -29.17 -5.01
C PHE B 130 -3.21 -29.95 -3.74
N PHE B 131 -4.48 -29.98 -3.39
CA PHE B 131 -5.00 -30.71 -2.27
C PHE B 131 -4.44 -32.12 -2.27
N ASP B 132 -4.52 -32.81 -3.43
CA ASP B 132 -4.03 -34.17 -3.56
C ASP B 132 -2.54 -34.28 -3.39
N PHE B 133 -1.82 -33.29 -3.87
CA PHE B 133 -0.39 -33.27 -3.65
C PHE B 133 -0.09 -33.19 -2.16
N VAL B 134 -0.77 -32.28 -1.46
CA VAL B 134 -0.54 -32.19 -0.01
C VAL B 134 -0.87 -33.51 0.68
N ARG B 135 -2.03 -34.12 0.34
CA ARG B 135 -2.35 -35.45 0.93
C ARG B 135 -1.21 -36.44 0.71
N GLU B 136 -0.70 -36.50 -0.52
CA GLU B 136 0.33 -37.49 -0.84
C GLU B 136 1.61 -37.21 -0.06
N LYS B 137 2.00 -35.96 0.04
CA LYS B 137 3.19 -35.62 0.81
C LYS B 137 3.07 -35.91 2.29
N LEU B 138 1.86 -35.79 2.79
CA LEU B 138 1.60 -36.21 4.17
C LEU B 138 1.85 -37.68 4.43
N LYS B 139 1.56 -38.55 3.47
CA LYS B 139 1.80 -40.00 3.60
C LYS B 139 3.27 -40.36 3.73
N ASP B 140 4.16 -39.48 3.25
CA ASP B 140 5.60 -39.65 3.41
C ASP B 140 6.05 -39.53 4.84
N LEU B 141 5.26 -38.88 5.67
CA LEU B 141 5.71 -38.52 7.01
C LEU B 141 5.25 -39.53 8.05
N ASP B 142 6.02 -39.58 9.14
CA ASP B 142 5.72 -40.35 10.30
C ASP B 142 4.99 -39.42 11.25
N LEU B 143 3.67 -39.57 11.32
CA LEU B 143 2.86 -38.60 12.02
C LEU B 143 2.85 -38.88 13.49
N ALA B 144 2.78 -37.82 14.28
CA ALA B 144 2.81 -37.93 15.71
C ALA B 144 1.57 -38.64 16.17
N GLU B 145 1.54 -39.08 17.41
CA GLU B 145 0.38 -39.77 17.97
C GLU B 145 -0.88 -38.93 17.90
N ASP B 146 -1.96 -39.56 17.46
CA ASP B 146 -3.29 -38.96 17.28
C ASP B 146 -3.40 -37.97 16.14
N VAL B 147 -2.29 -37.66 15.48
CA VAL B 147 -2.33 -36.81 14.30
C VAL B 147 -2.62 -37.71 13.10
N THR B 148 -3.87 -37.73 12.68
CA THR B 148 -4.27 -38.47 11.51
C THR B 148 -4.01 -37.63 10.26
N GLU B 149 -4.01 -38.34 9.13
CA GLU B 149 -3.82 -37.72 7.82
C GLU B 149 -4.92 -36.68 7.57
N GLU B 150 -6.16 -37.01 7.92
CA GLU B 150 -7.28 -36.08 7.70
C GLU B 150 -7.09 -34.83 8.54
N ILE B 151 -6.68 -34.95 9.78
CA ILE B 151 -6.46 -33.75 10.59
C ILE B 151 -5.25 -32.92 10.09
N ALA B 152 -4.16 -33.59 9.81
CA ALA B 152 -2.99 -32.93 9.29
C ALA B 152 -3.35 -32.13 8.05
N LEU B 153 -4.08 -32.74 7.14
CA LEU B 153 -4.51 -32.09 5.91
C LEU B 153 -5.48 -30.95 6.12
N LYS B 154 -6.49 -31.15 6.95
CA LYS B 154 -7.41 -30.05 7.25
C LYS B 154 -6.61 -28.83 7.74
N PHE B 155 -5.76 -29.04 8.73
CA PHE B 155 -5.06 -27.99 9.41
C PHE B 155 -4.11 -27.27 8.42
N LEU B 156 -3.37 -28.02 7.63
CA LEU B 156 -2.50 -27.41 6.63
C LEU B 156 -3.23 -26.62 5.53
N MSE B 157 -4.40 -27.13 5.08
CA MSE B 157 -5.19 -26.45 4.02
C MSE B 157 -5.85 -25.22 4.59
O MSE B 157 -5.95 -24.20 3.90
CB MSE B 157 -6.27 -27.30 3.32
CG MSE B 157 -5.68 -28.45 2.47
SE MSE B 157 -4.38 -27.85 1.12
CE MSE B 157 -2.72 -27.44 2.19
N TRP B 158 -6.28 -25.27 5.84
N TRP B 158 -6.33 -25.33 5.83
CA TRP B 158 -6.77 -24.07 6.53
CA TRP B 158 -6.78 -24.15 6.53
C TRP B 158 -5.64 -23.02 6.66
C TRP B 158 -5.64 -23.10 6.52
N PHE B 159 -4.45 -23.47 7.05
CA PHE B 159 -3.31 -22.58 7.16
C PHE B 159 -2.98 -21.92 5.82
N PHE B 160 -2.92 -22.73 4.77
CA PHE B 160 -2.54 -22.24 3.44
C PHE B 160 -3.58 -21.29 2.91
N SER B 161 -4.84 -21.56 3.23
CA SER B 161 -5.94 -20.76 2.74
C SER B 161 -6.00 -19.43 3.40
N GLY B 162 -5.43 -19.30 4.60
CA GLY B 162 -5.37 -18.01 5.27
C GLY B 162 -4.55 -16.91 4.59
N PHE B 163 -3.79 -17.23 3.53
CA PHE B 163 -2.94 -16.30 2.70
CA PHE B 163 -3.00 -16.17 3.00
C PHE B 163 -3.80 -15.22 2.10
N GLU B 164 -4.89 -15.67 1.48
CA GLU B 164 -5.76 -14.80 0.70
C GLU B 164 -6.48 -13.82 1.64
N GLU B 165 -6.83 -14.32 2.82
CA GLU B 165 -7.54 -13.52 3.81
C GLU B 165 -6.64 -12.43 4.36
N VAL B 166 -5.40 -12.78 4.68
CA VAL B 166 -4.43 -11.74 5.06
C VAL B 166 -4.26 -10.68 3.96
N TYR B 167 -4.14 -11.11 2.70
CA TYR B 167 -3.90 -10.20 1.57
C TYR B 167 -5.06 -9.18 1.44
N LEU B 168 -6.27 -9.70 1.32
CA LEU B 168 -7.47 -8.87 1.29
C LEU B 168 -7.48 -7.90 2.48
N ARG B 169 -7.17 -8.42 3.65
CA ARG B 169 -7.36 -7.70 4.88
C ARG B 169 -6.28 -6.66 5.14
N THR B 170 -5.08 -6.90 4.64
CA THR B 170 -3.97 -6.03 4.98
C THR B 170 -3.26 -5.38 3.80
N TYR B 171 -3.16 -6.04 2.65
CA TYR B 171 -2.25 -5.56 1.61
C TYR B 171 -2.85 -5.14 0.30
N GLN B 172 -4.14 -5.43 0.14
CA GLN B 172 -4.80 -5.26 -1.14
C GLN B 172 -4.45 -3.94 -1.73
N GLY B 173 -4.63 -2.90 -0.95
CA GLY B 173 -4.39 -1.60 -1.56
C GLY B 173 -2.91 -1.32 -1.74
N LYS B 174 -2.09 -2.06 -0.99
CA LYS B 174 -0.80 -1.58 -0.54
C LYS B 174 0.37 -2.51 -0.87
N PRO B 175 0.74 -2.60 -2.14
CA PRO B 175 1.98 -3.31 -2.45
C PRO B 175 3.27 -2.81 -1.76
N GLU B 176 3.42 -1.50 -1.56
CA GLU B 176 4.57 -0.94 -0.83
C GLU B 176 4.70 -1.45 0.62
N LEU B 177 3.57 -1.58 1.29
CA LEU B 177 3.52 -2.14 2.63
C LEU B 177 3.83 -3.66 2.64
N LEU B 178 3.41 -4.39 1.62
CA LEU B 178 3.77 -5.80 1.53
C LEU B 178 5.28 -6.02 1.29
N LYS B 179 5.84 -5.23 0.37
CA LYS B 179 7.28 -5.19 0.16
C LYS B 179 8.01 -4.83 1.47
N ARG B 180 7.55 -3.82 2.18
CA ARG B 180 8.16 -3.45 3.48
C ARG B 180 8.11 -4.64 4.47
N ASP B 181 6.96 -5.31 4.57
CA ASP B 181 6.78 -6.39 5.54
C ASP B 181 7.39 -7.70 5.10
N MSE B 182 7.73 -7.81 3.81
CA MSE B 182 8.17 -9.07 3.19
C MSE B 182 9.05 -9.97 4.03
O MSE B 182 8.73 -11.12 4.24
CB MSE B 182 8.98 -8.83 1.91
CG MSE B 182 9.34 -10.09 1.18
SE MSE B 182 7.68 -10.90 0.51
CE MSE B 182 7.78 -10.12 -1.31
N ASN B 183 10.17 -9.44 4.52
CA ASN B 183 11.12 -10.25 5.26
C ASN B 183 10.66 -10.76 6.59
N THR B 184 9.83 -9.96 7.24
CA THR B 184 9.19 -10.36 8.46
C THR B 184 8.07 -11.37 8.18
N LEU B 185 7.28 -11.21 7.13
CA LEU B 185 6.23 -12.18 6.83
C LEU B 185 6.87 -13.51 6.52
N VAL B 186 7.95 -13.48 5.75
CA VAL B 186 8.62 -14.72 5.38
C VAL B 186 9.20 -15.44 6.60
N GLU B 187 9.85 -14.66 7.47
CA GLU B 187 10.38 -15.16 8.73
C GLU B 187 9.28 -15.83 9.57
N GLU B 188 8.12 -15.20 9.66
CA GLU B 188 7.03 -15.75 10.43
C GLU B 188 6.45 -17.01 9.78
N VAL B 189 6.29 -17.00 8.47
CA VAL B 189 5.73 -18.17 7.78
C VAL B 189 6.64 -19.39 8.00
N LYS B 190 7.95 -19.18 7.94
CA LYS B 190 8.86 -20.26 8.20
C LYS B 190 8.71 -20.82 9.62
N VAL B 191 8.55 -19.95 10.61
CA VAL B 191 8.49 -20.42 11.97
C VAL B 191 7.12 -21.17 12.20
N MSE B 192 6.04 -20.70 11.61
CA MSE B 192 4.71 -21.25 11.80
C MSE B 192 4.65 -22.61 11.16
O MSE B 192 4.08 -23.51 11.75
CB MSE B 192 3.65 -20.37 11.19
CG MSE B 192 3.41 -19.15 12.08
SE MSE B 192 2.08 -17.91 11.26
CE MSE B 192 2.31 -16.32 12.46
N LEU B 193 5.27 -22.74 9.99
CA LEU B 193 5.47 -23.99 9.35
C LEU B 193 6.41 -24.95 10.14
N ARG B 194 7.49 -24.43 10.71
CA ARG B 194 8.25 -25.26 11.61
C ARG B 194 7.45 -25.71 12.85
N ILE B 195 6.58 -24.85 13.39
CA ILE B 195 5.76 -25.22 14.56
C ILE B 195 4.88 -26.42 14.15
N LEU B 196 4.22 -26.29 13.02
CA LEU B 196 3.39 -27.35 12.49
C LEU B 196 4.14 -28.62 12.21
N LYS B 197 5.31 -28.52 11.60
CA LYS B 197 6.11 -29.69 11.38
C LYS B 197 6.48 -30.46 12.68
N LYS B 198 7.03 -29.71 13.63
CA LYS B 198 7.42 -30.28 14.90
C LYS B 198 6.21 -30.88 15.65
N GLY B 199 5.05 -30.21 15.61
CA GLY B 199 3.88 -30.72 16.31
C GLY B 199 3.21 -31.93 15.69
N MSE B 200 3.24 -32.00 14.37
CA MSE B 200 2.55 -33.00 13.60
C MSE B 200 3.28 -34.30 13.49
O MSE B 200 2.68 -35.34 13.27
CB MSE B 200 2.32 -32.52 12.19
CG MSE B 200 1.22 -31.49 12.16
SE MSE B 200 0.77 -31.01 10.28
CE MSE B 200 -0.67 -29.69 10.64
N THR B 201 4.58 -34.24 13.59
CA THR B 201 5.39 -35.39 13.25
C THR B 201 6.02 -35.99 14.49
N LYS B 202 6.40 -37.26 14.37
CA LYS B 202 7.10 -38.02 15.41
C LYS B 202 8.46 -37.44 15.71
CAA OC9 C . 7.66 11.88 -0.98
CAC OC9 C . 9.08 12.29 -1.16
CAE OC9 C . 9.82 12.51 0.15
CAG OC9 C . 10.92 11.49 0.38
CAI OC9 C . 12.29 12.11 0.16
CAH OC9 C . 13.42 11.12 0.37
CAF OC9 C . 14.37 11.25 -0.82
CAD OC9 C . 15.58 10.34 -0.68
OAB OC9 C . 16.00 9.91 -1.99
CAA OC9 D . 17.07 15.31 -4.16
CAC OC9 D . 17.55 14.00 -3.59
CAE OC9 D . 17.89 14.08 -2.09
CAG OC9 D . 16.71 14.56 -1.27
CAI OC9 D . 16.66 13.98 0.13
CAH OC9 D . 15.38 14.47 0.81
CAF OC9 D . 15.44 14.54 2.33
CAD OC9 D . 14.37 13.74 3.07
OAB OC9 D . 13.77 14.63 4.02
C1 EDO E . 34.64 6.77 17.63
O1 EDO E . 34.34 7.87 18.51
C2 EDO E . 35.74 5.91 18.26
O2 EDO E . 36.53 5.31 17.22
C1 EDO F . 33.11 15.83 10.54
O1 EDO F . 33.02 14.75 11.48
C2 EDO F . 33.75 17.08 11.13
O2 EDO F . 34.34 16.82 12.44
C1 EDO G . -3.90 -11.93 -18.51
O1 EDO G . -3.46 -10.60 -18.28
C2 EDO G . -3.00 -12.78 -17.66
O2 EDO G . -3.64 -14.06 -17.55
#